data_3OCJ
#
_entry.id   3OCJ
#
_cell.length_a   48.233
_cell.length_b   49.312
_cell.length_c   145.053
_cell.angle_alpha   90.00
_cell.angle_beta   90.00
_cell.angle_gamma   90.00
#
_symmetry.space_group_name_H-M   'P 2 2 21'
#
loop_
_entity.id
_entity.type
_entity.pdbx_description
1 polymer 'Putative exported protein'
2 non-polymer GLYCEROL
3 non-polymer 'PALMITIC ACID'
4 water water
#
_entity_poly.entity_id   1
_entity_poly.type   'polypeptide(L)'
_entity_poly.pdbx_seq_one_letter_code
;SNA(MSE)SPSPLISHRAASADLAG(MSE)VRQARQRILLQGNVPGFDVARQIELLHGLAESELGRFLLLYRGLNAEWTH
RLVTHQPGSGALAPLERVFYERLPAVLATRERHGHFRRALQRHLRPGCVVASVPCGW(MSE)SELLALDYSACPGVQLVG
IDYDPEALDGATRLAAGHALAGQITLHRQDAWKLDTREGYDLLTSNGLNIYEPDDARVTELYRRFWQALKPGGALVTSFL
TPPPALSPDSPWD(MSE)QAIDPHDLQLQQLVFTRLIQPRWNALRTHAQTRAQLEEAGFTDLRFEDDRARLFPTVIARKP
A
;
_entity_poly.pdbx_strand_id   A
#
# COMPACT_ATOMS: atom_id res chain seq x y z
N ALA A 3 8.54 1.36 -18.26
CA ALA A 3 7.11 1.35 -17.95
C ALA A 3 6.60 -0.06 -17.68
N SER A 5 3.95 -1.65 -18.69
CA SER A 5 3.60 -2.34 -19.93
C SER A 5 4.12 -1.52 -21.09
N PRO A 6 4.34 -2.15 -22.25
CA PRO A 6 4.08 -3.53 -22.66
C PRO A 6 4.81 -4.63 -21.87
N SER A 7 4.14 -5.78 -21.75
CA SER A 7 4.59 -6.95 -20.99
C SER A 7 5.37 -6.64 -19.70
N SER A 11 -0.11 -7.72 -22.09
CA SER A 11 -0.40 -6.96 -23.29
C SER A 11 0.87 -6.54 -24.00
N HIS A 12 0.98 -6.97 -25.24
CA HIS A 12 2.06 -6.66 -26.17
C HIS A 12 1.83 -5.33 -26.90
N ARG A 13 0.81 -4.59 -26.50
CA ARG A 13 0.48 -3.34 -27.18
C ARG A 13 1.18 -2.17 -26.50
N ALA A 14 1.27 -1.05 -27.20
CA ALA A 14 1.70 0.18 -26.54
C ALA A 14 0.75 0.52 -25.39
N ALA A 15 1.30 1.03 -24.29
CA ALA A 15 0.46 1.42 -23.18
C ALA A 15 -0.60 2.45 -23.59
N SER A 16 -0.25 3.33 -24.51
CA SER A 16 -1.22 4.32 -24.95
C SER A 16 -2.45 3.65 -25.59
N ALA A 17 -2.25 2.53 -26.29
CA ALA A 17 -3.37 1.84 -26.92
C ALA A 17 -4.27 1.21 -25.86
N ASP A 18 -3.68 0.53 -24.89
CA ASP A 18 -4.47 -0.06 -23.82
C ASP A 18 -5.15 1.03 -22.98
N LEU A 19 -4.47 2.15 -22.77
CA LEU A 19 -5.06 3.24 -22.00
C LEU A 19 -6.33 3.75 -22.67
N ALA A 20 -6.27 3.96 -23.98
CA ALA A 20 -7.46 4.45 -24.67
C ALA A 20 -8.63 3.51 -24.45
N GLY A 21 -8.35 2.21 -24.42
CA GLY A 21 -9.38 1.21 -24.16
C GLY A 21 -9.95 1.32 -22.75
N VAL A 23 -9.99 3.94 -20.87
CA VAL A 23 -10.74 5.18 -20.80
C VAL A 23 -12.10 5.03 -21.47
N ARG A 24 -12.13 4.38 -22.63
N ARG A 24 -12.13 4.38 -22.63
CA ARG A 24 -13.40 4.12 -23.31
CA ARG A 24 -13.40 4.12 -23.32
C ARG A 24 -14.35 3.34 -22.40
C ARG A 24 -14.36 3.33 -22.43
N GLN A 25 -13.84 2.30 -21.77
CA GLN A 25 -14.66 1.46 -20.89
C GLN A 25 -15.22 2.24 -19.70
N ALA A 26 -14.39 3.11 -19.12
CA ALA A 26 -14.85 3.93 -18.01
C ALA A 26 -15.91 4.93 -18.50
N ARG A 27 -15.69 5.48 -19.69
CA ARG A 27 -16.66 6.42 -20.25
C ARG A 27 -18.01 5.73 -20.46
N GLN A 28 -17.98 4.50 -20.97
CA GLN A 28 -19.22 3.76 -21.18
CA GLN A 28 -19.19 3.72 -21.18
C GLN A 28 -19.94 3.48 -19.87
N ARG A 29 -19.19 3.19 -18.82
CA ARG A 29 -19.81 2.94 -17.52
C ARG A 29 -20.50 4.19 -17.00
N ILE A 30 -19.95 5.36 -17.32
CA ILE A 30 -20.56 6.63 -16.93
C ILE A 30 -21.84 6.86 -17.72
N LEU A 31 -21.75 6.74 -19.04
CA LEU A 31 -22.89 7.01 -19.92
C LEU A 31 -24.05 6.05 -19.69
N LEU A 32 -23.73 4.79 -19.39
CA LEU A 32 -24.75 3.77 -19.22
C LEU A 32 -25.41 3.81 -17.84
N GLN A 33 -24.68 4.28 -16.84
CA GLN A 33 -25.17 4.25 -15.46
C GLN A 33 -25.71 5.60 -14.97
N GLY A 34 -25.33 6.67 -15.66
CA GLY A 34 -25.89 7.99 -15.40
C GLY A 34 -25.43 8.71 -14.15
N ASN A 35 -26.22 9.71 -13.74
CA ASN A 35 -25.90 10.56 -12.60
C ASN A 35 -25.73 9.79 -11.29
N VAL A 36 -24.94 10.36 -10.38
CA VAL A 36 -24.91 9.91 -9.00
C VAL A 36 -25.08 11.16 -8.12
N PRO A 37 -25.46 10.97 -6.85
CA PRO A 37 -25.61 12.14 -5.98
C PRO A 37 -24.33 12.97 -5.93
N GLY A 38 -24.41 14.22 -6.38
CA GLY A 38 -23.27 15.13 -6.31
C GLY A 38 -22.46 15.22 -7.59
N PHE A 39 -22.62 14.24 -8.47
CA PHE A 39 -21.86 14.19 -9.72
C PHE A 39 -22.71 13.73 -10.89
N ASP A 40 -23.14 14.66 -11.74
CA ASP A 40 -23.89 14.29 -12.93
C ASP A 40 -22.94 13.72 -13.97
N VAL A 41 -23.48 13.22 -15.08
CA VAL A 41 -22.70 12.58 -16.13
C VAL A 41 -21.55 13.45 -16.62
N ALA A 42 -21.85 14.72 -16.91
CA ALA A 42 -20.83 15.66 -17.38
C ALA A 42 -19.70 15.78 -16.37
N ARG A 43 -20.04 15.86 -15.09
CA ARG A 43 -19.04 16.00 -14.05
C ARG A 43 -18.17 14.74 -13.95
N GLN A 44 -18.81 13.58 -14.08
CA GLN A 44 -18.09 12.31 -14.05
C GLN A 44 -17.09 12.23 -15.21
N ILE A 45 -17.52 12.73 -16.37
CA ILE A 45 -16.65 12.74 -17.54
C ILE A 45 -15.46 13.66 -17.29
N GLU A 46 -15.70 14.78 -16.62
CA GLU A 46 -14.62 15.68 -16.23
C GLU A 46 -13.65 14.99 -15.27
N LEU A 47 -14.18 14.21 -14.34
CA LEU A 47 -13.33 13.47 -13.41
C LEU A 47 -12.47 12.46 -14.16
N LEU A 48 -13.08 11.74 -15.09
CA LEU A 48 -12.36 10.77 -15.91
C LEU A 48 -11.24 11.46 -16.69
N HIS A 49 -11.53 12.62 -17.25
N HIS A 49 -11.52 12.64 -17.23
CA HIS A 49 -10.52 13.39 -17.96
CA HIS A 49 -10.52 13.39 -17.97
C HIS A 49 -9.36 13.76 -17.04
C HIS A 49 -9.36 13.79 -17.05
N GLY A 50 -9.67 14.18 -15.82
CA GLY A 50 -8.66 14.51 -14.85
C GLY A 50 -7.74 13.33 -14.59
N LEU A 51 -8.32 12.14 -14.43
CA LEU A 51 -7.53 10.93 -14.28
C LEU A 51 -6.61 10.72 -15.47
N ALA A 52 -7.18 10.83 -16.68
CA ALA A 52 -6.43 10.53 -17.89
C ALA A 52 -5.31 11.53 -18.16
N GLU A 53 -5.43 12.74 -17.60
CA GLU A 53 -4.43 13.77 -17.78
C GLU A 53 -3.29 13.66 -16.79
N SER A 54 -3.46 12.79 -15.79
CA SER A 54 -2.49 12.64 -14.71
C SER A 54 -1.61 11.41 -14.93
N GLU A 55 -0.32 11.53 -14.65
CA GLU A 55 0.55 10.37 -14.75
C GLU A 55 0.08 9.24 -13.83
N LEU A 56 -0.21 9.56 -12.56
CA LEU A 56 -0.70 8.57 -11.63
C LEU A 56 -2.07 8.04 -12.07
N GLY A 57 -2.93 8.96 -12.51
CA GLY A 57 -4.25 8.60 -12.97
C GLY A 57 -4.22 7.60 -14.11
N ARG A 58 -3.34 7.84 -15.08
CA ARG A 58 -3.19 6.94 -16.21
C ARG A 58 -2.70 5.57 -15.75
N PHE A 59 -1.73 5.57 -14.82
CA PHE A 59 -1.21 4.31 -14.31
C PHE A 59 -2.33 3.50 -13.64
N LEU A 60 -3.17 4.17 -12.86
CA LEU A 60 -4.28 3.51 -12.19
C LEU A 60 -5.34 3.02 -13.17
N LEU A 61 -5.66 3.82 -14.20
CA LEU A 61 -6.64 3.39 -15.18
C LEU A 61 -6.17 2.11 -15.87
N LEU A 62 -4.87 2.07 -16.17
CA LEU A 62 -4.27 0.94 -16.90
C LEU A 62 -4.13 -0.30 -16.03
N TYR A 63 -3.57 -0.11 -14.83
CA TYR A 63 -3.11 -1.25 -14.04
C TYR A 63 -3.91 -1.51 -12.77
N ARG A 64 -4.73 -0.53 -12.36
CA ARG A 64 -5.71 -0.72 -11.30
C ARG A 64 -5.08 -1.12 -9.96
N GLY A 65 -3.87 -0.64 -9.74
CA GLY A 65 -3.19 -0.81 -8.47
C GLY A 65 -1.94 0.05 -8.46
N LEU A 66 -1.21 0.01 -7.36
CA LEU A 66 0.01 0.80 -7.23
C LEU A 66 1.24 -0.08 -7.38
N ASN A 67 2.27 0.45 -8.02
CA ASN A 67 3.56 -0.19 -8.03
C ASN A 67 4.51 0.53 -7.08
N ALA A 68 5.78 0.18 -7.12
CA ALA A 68 6.74 0.75 -6.19
C ALA A 68 6.86 2.26 -6.40
N GLU A 69 7.00 2.68 -7.66
CA GLU A 69 7.16 4.08 -7.96
C GLU A 69 5.98 4.90 -7.45
N TRP A 70 4.78 4.48 -7.80
CA TRP A 70 3.61 5.28 -7.45
C TRP A 70 3.21 5.20 -5.97
N THR A 71 3.47 4.08 -5.33
CA THR A 71 3.32 4.02 -3.89
C THR A 71 4.23 5.06 -3.23
N HIS A 72 5.49 5.08 -3.63
CA HIS A 72 6.42 6.04 -3.05
C HIS A 72 5.96 7.46 -3.30
N ARG A 73 5.69 7.79 -4.56
CA ARG A 73 5.38 9.17 -4.93
C ARG A 73 4.08 9.62 -4.27
N LEU A 74 3.12 8.71 -4.20
CA LEU A 74 1.86 9.04 -3.56
C LEU A 74 2.02 9.18 -2.04
N VAL A 75 2.65 8.20 -1.42
N VAL A 75 2.64 8.19 -1.41
CA VAL A 75 2.75 8.19 0.03
CA VAL A 75 2.74 8.21 0.05
C VAL A 75 3.61 9.31 0.61
C VAL A 75 3.60 9.34 0.61
N THR A 76 4.70 9.66 -0.08
CA THR A 76 5.61 10.67 0.41
C THR A 76 5.27 12.10 -0.06
N HIS A 77 4.24 12.22 -0.88
CA HIS A 77 3.77 13.54 -1.31
C HIS A 77 3.52 14.46 -0.13
N GLN A 78 4.14 15.64 -0.16
CA GLN A 78 3.88 16.66 0.84
C GLN A 78 2.75 17.56 0.36
N PRO A 79 1.66 17.65 1.12
CA PRO A 79 0.52 18.46 0.67
C PRO A 79 0.90 19.89 0.30
N GLY A 80 0.45 20.33 -0.86
CA GLY A 80 0.75 21.66 -1.38
C GLY A 80 1.95 21.70 -2.30
N SER A 81 2.76 20.64 -2.29
CA SER A 81 4.00 20.61 -3.06
C SER A 81 3.79 20.05 -4.46
N GLY A 82 4.83 20.19 -5.28
CA GLY A 82 4.82 19.60 -6.61
C GLY A 82 4.00 20.35 -7.64
N ALA A 83 4.03 19.83 -8.86
CA ALA A 83 3.29 20.39 -9.98
C ALA A 83 2.18 19.42 -10.35
N LEU A 84 1.01 19.64 -9.78
CA LEU A 84 -0.15 18.79 -10.02
C LEU A 84 -1.26 19.64 -10.61
N ALA A 85 -2.03 19.07 -11.52
CA ALA A 85 -3.23 19.73 -12.01
C ALA A 85 -4.22 19.86 -10.86
N PRO A 86 -5.18 20.79 -10.97
CA PRO A 86 -6.10 21.02 -9.86
C PRO A 86 -6.83 19.76 -9.37
N LEU A 87 -7.44 19.01 -10.28
CA LEU A 87 -8.19 17.82 -9.88
C LEU A 87 -7.24 16.73 -9.37
N GLU A 88 -6.13 16.57 -10.08
CA GLU A 88 -5.08 15.65 -9.68
C GLU A 88 -4.68 15.89 -8.23
N ARG A 89 -4.54 17.16 -7.85
CA ARG A 89 -4.14 17.49 -6.47
C ARG A 89 -5.22 17.10 -5.46
N VAL A 90 -6.49 17.26 -5.82
CA VAL A 90 -7.58 16.80 -4.96
C VAL A 90 -7.48 15.29 -4.73
N PHE A 91 -7.20 14.54 -5.80
CA PHE A 91 -7.01 13.11 -5.66
C PHE A 91 -5.85 12.76 -4.73
N TYR A 92 -4.74 13.47 -4.87
CA TYR A 92 -3.55 13.25 -4.04
C TYR A 92 -3.74 13.66 -2.58
N GLU A 93 -4.64 14.61 -2.33
CA GLU A 93 -4.67 15.26 -1.01
C GLU A 93 -5.96 15.12 -0.22
N ARG A 94 -7.04 14.72 -0.87
CA ARG A 94 -8.33 14.72 -0.19
C ARG A 94 -9.04 13.36 -0.09
N LEU A 95 -8.69 12.40 -0.94
CA LEU A 95 -9.38 11.13 -0.88
C LEU A 95 -9.12 10.46 0.46
N PRO A 96 -10.19 10.03 1.14
CA PRO A 96 -9.98 9.44 2.48
C PRO A 96 -8.95 8.30 2.49
N ALA A 97 -8.97 7.40 1.51
CA ALA A 97 -8.02 6.30 1.52
C ALA A 97 -6.57 6.77 1.34
N VAL A 98 -6.37 7.87 0.60
CA VAL A 98 -5.03 8.39 0.42
C VAL A 98 -4.54 9.00 1.74
N LEU A 99 -5.42 9.74 2.41
CA LEU A 99 -5.06 10.30 3.71
C LEU A 99 -4.70 9.17 4.66
N ALA A 100 -5.46 8.08 4.61
CA ALA A 100 -5.24 6.94 5.49
C ALA A 100 -3.89 6.24 5.21
N THR A 101 -3.52 6.05 3.95
CA THR A 101 -2.23 5.41 3.71
C THR A 101 -1.06 6.28 4.13
N ARG A 102 -1.20 7.62 4.07
CA ARG A 102 -0.13 8.47 4.59
C ARG A 102 -0.03 8.39 6.11
N GLU A 103 -1.18 8.30 6.78
CA GLU A 103 -1.18 8.10 8.23
C GLU A 103 -0.54 6.76 8.55
N ARG A 104 -0.92 5.74 7.80
CA ARG A 104 -0.36 4.40 7.97
C ARG A 104 1.16 4.43 7.82
N HIS A 105 1.65 5.10 6.77
CA HIS A 105 3.09 5.28 6.58
C HIS A 105 3.76 5.85 7.83
N GLY A 106 3.13 6.85 8.44
CA GLY A 106 3.64 7.42 9.67
C GLY A 106 3.68 6.41 10.80
N HIS A 107 2.64 5.59 10.92
CA HIS A 107 2.63 4.57 11.96
C HIS A 107 3.69 3.50 11.72
N PHE A 108 3.90 3.13 10.46
CA PHE A 108 4.98 2.21 10.12
C PHE A 108 6.32 2.77 10.58
N ARG A 109 6.56 4.06 10.29
CA ARG A 109 7.83 4.66 10.67
C ARG A 109 7.98 4.64 12.19
N ARG A 110 6.94 5.02 12.91
CA ARG A 110 7.05 5.01 14.37
C ARG A 110 7.29 3.62 14.92
N ALA A 111 6.60 2.63 14.36
CA ALA A 111 6.72 1.26 14.85
C ALA A 111 8.11 0.71 14.53
N LEU A 112 8.58 0.91 13.30
CA LEU A 112 9.90 0.40 12.95
C LEU A 112 10.96 1.08 13.80
N GLN A 113 10.82 2.40 13.99
CA GLN A 113 11.79 3.12 14.81
C GLN A 113 11.85 2.59 16.24
N ARG A 114 10.68 2.33 16.82
CA ARG A 114 10.56 1.81 18.17
C ARG A 114 11.25 0.46 18.35
N HIS A 115 11.16 -0.39 17.33
CA HIS A 115 11.66 -1.76 17.42
C HIS A 115 13.11 -1.93 16.96
N LEU A 116 13.65 -0.91 16.29
CA LEU A 116 15.01 -0.96 15.77
C LEU A 116 16.02 -1.07 16.92
N ARG A 117 17.05 -1.90 16.74
CA ARG A 117 18.16 -2.00 17.69
C ARG A 117 19.46 -2.11 16.89
N PRO A 118 20.61 -1.79 17.51
CA PRO A 118 21.87 -1.94 16.81
C PRO A 118 22.06 -3.34 16.26
N GLY A 119 22.56 -3.46 15.03
CA GLY A 119 22.88 -4.75 14.46
C GLY A 119 21.69 -5.58 13.98
N CYS A 120 20.49 -5.04 14.05
CA CYS A 120 19.33 -5.83 13.66
CA CYS A 120 19.29 -5.76 13.64
C CYS A 120 19.23 -5.95 12.13
N VAL A 121 18.60 -7.04 11.71
CA VAL A 121 18.36 -7.28 10.30
C VAL A 121 16.88 -7.00 10.04
N VAL A 122 16.62 -6.01 9.17
CA VAL A 122 15.25 -5.59 8.89
C VAL A 122 14.94 -5.88 7.42
N ALA A 123 13.85 -6.58 7.18
CA ALA A 123 13.43 -6.90 5.82
C ALA A 123 12.14 -6.17 5.45
N SER A 124 12.00 -5.80 4.18
CA SER A 124 10.75 -5.28 3.68
C SER A 124 10.31 -6.15 2.49
N VAL A 125 9.04 -6.59 2.52
CA VAL A 125 8.54 -7.56 1.55
C VAL A 125 7.06 -7.26 1.30
N PRO A 126 6.71 -6.74 0.11
CA PRO A 126 7.56 -6.34 -1.02
C PRO A 126 8.17 -4.98 -0.73
N CYS A 127 9.47 -4.84 -0.99
CA CYS A 127 10.17 -3.65 -0.52
C CYS A 127 9.86 -2.37 -1.28
N GLY A 128 9.42 -2.50 -2.53
CA GLY A 128 9.25 -1.33 -3.37
C GLY A 128 10.53 -0.50 -3.36
N TRP A 129 10.41 0.82 -3.25
CA TRP A 129 11.58 1.69 -3.20
C TRP A 129 12.15 1.84 -1.79
N SER A 131 10.86 3.18 0.94
CA SER A 131 10.63 4.53 1.44
C SER A 131 10.64 4.60 2.97
N GLU A 132 9.99 3.63 3.60
CA GLU A 132 9.87 3.64 5.04
C GLU A 132 11.22 3.37 5.72
N LEU A 133 11.97 2.39 5.22
CA LEU A 133 13.26 2.06 5.82
C LEU A 133 14.31 3.15 5.63
N LEU A 134 14.28 3.83 4.49
CA LEU A 134 15.25 4.88 4.21
C LEU A 134 14.92 6.18 4.96
N ALA A 135 13.74 6.25 5.55
CA ALA A 135 13.33 7.45 6.29
C ALA A 135 13.65 7.37 7.78
N LEU A 136 14.08 6.21 8.25
CA LEU A 136 14.31 6.03 9.69
C LEU A 136 15.58 6.71 10.17
N ASP A 137 15.67 6.91 11.48
CA ASP A 137 16.83 7.53 12.10
C ASP A 137 17.76 6.42 12.59
N TYR A 138 18.94 6.31 11.99
CA TYR A 138 19.88 5.25 12.32
C TYR A 138 21.02 5.71 13.24
N SER A 139 20.93 6.92 13.77
CA SER A 139 22.01 7.52 14.56
CA SER A 139 22.00 7.52 14.56
C SER A 139 22.37 6.74 15.84
N ALA A 140 21.43 5.96 16.37
CA ALA A 140 21.69 5.18 17.57
C ALA A 140 21.57 3.69 17.33
N CYS A 141 21.43 3.31 16.07
CA CYS A 141 21.33 1.89 15.70
C CYS A 141 22.41 1.56 14.68
N PRO A 142 23.67 1.56 15.12
CA PRO A 142 24.73 1.23 14.17
C PRO A 142 24.62 -0.22 13.71
N GLY A 143 25.07 -0.50 12.49
CA GLY A 143 25.22 -1.88 12.05
C GLY A 143 23.95 -2.58 11.62
N VAL A 144 22.87 -1.82 11.49
CA VAL A 144 21.63 -2.38 10.95
C VAL A 144 21.86 -2.87 9.50
N GLN A 145 21.31 -4.04 9.19
CA GLN A 145 21.33 -4.53 7.82
C GLN A 145 19.93 -4.48 7.28
N LEU A 146 19.79 -3.98 6.06
CA LEU A 146 18.49 -3.88 5.40
C LEU A 146 18.37 -4.88 4.27
N VAL A 147 17.21 -5.54 4.18
CA VAL A 147 16.98 -6.53 3.15
C VAL A 147 15.68 -6.17 2.43
N GLY A 148 15.74 -6.09 1.10
CA GLY A 148 14.54 -5.81 0.33
C GLY A 148 14.23 -6.96 -0.59
N ILE A 149 12.98 -7.41 -0.59
CA ILE A 149 12.56 -8.47 -1.49
C ILE A 149 11.41 -7.95 -2.33
N ASP A 150 11.50 -8.09 -3.64
CA ASP A 150 10.41 -7.66 -4.50
C ASP A 150 10.47 -8.47 -5.78
N TYR A 151 9.32 -8.72 -6.38
CA TYR A 151 9.28 -9.50 -7.61
C TYR A 151 9.45 -8.60 -8.83
N ASP A 152 9.26 -7.30 -8.63
CA ASP A 152 9.38 -6.34 -9.73
C ASP A 152 10.81 -5.80 -9.82
N PRO A 153 11.51 -6.10 -10.91
CA PRO A 153 12.89 -5.62 -11.05
C PRO A 153 12.94 -4.09 -11.02
N GLU A 154 11.88 -3.42 -11.48
CA GLU A 154 11.84 -1.97 -11.44
C GLU A 154 11.78 -1.44 -10.02
N ALA A 155 11.16 -2.20 -9.12
CA ALA A 155 11.12 -1.83 -7.71
C ALA A 155 12.54 -1.85 -7.14
N LEU A 156 13.28 -2.91 -7.44
CA LEU A 156 14.64 -3.05 -6.92
C LEU A 156 15.56 -1.96 -7.46
N ASP A 157 15.47 -1.70 -8.76
CA ASP A 157 16.24 -0.62 -9.37
C ASP A 157 15.92 0.71 -8.70
N GLY A 158 14.66 0.95 -8.41
CA GLY A 158 14.25 2.19 -7.78
C GLY A 158 14.73 2.30 -6.34
N ALA A 159 14.75 1.17 -5.63
CA ALA A 159 15.26 1.17 -4.26
C ALA A 159 16.74 1.55 -4.26
N THR A 160 17.49 0.95 -5.18
CA THR A 160 18.90 1.27 -5.30
C THR A 160 19.11 2.75 -5.60
N ARG A 161 18.34 3.28 -6.54
CA ARG A 161 18.45 4.70 -6.91
C ARG A 161 18.08 5.64 -5.77
N LEU A 162 17.05 5.29 -5.00
CA LEU A 162 16.62 6.13 -3.89
C LEU A 162 17.64 6.09 -2.75
N ALA A 163 18.31 4.95 -2.61
CA ALA A 163 19.27 4.76 -1.52
C ALA A 163 20.67 5.24 -1.87
N ALA A 164 20.88 5.61 -3.13
CA ALA A 164 22.23 5.87 -3.64
C ALA A 164 23.10 6.80 -2.80
N GLY A 165 22.49 7.83 -2.22
CA GLY A 165 23.24 8.79 -1.44
C GLY A 165 23.03 8.65 0.06
N HIS A 166 22.33 7.58 0.44
CA HIS A 166 21.94 7.35 1.82
C HIS A 166 23.11 6.78 2.62
N ALA A 167 23.09 7.02 3.94
CA ALA A 167 24.13 6.53 4.83
C ALA A 167 24.24 5.01 4.83
N LEU A 168 23.12 4.33 4.60
CA LEU A 168 23.05 2.87 4.63
C LEU A 168 23.06 2.23 3.23
N ALA A 169 23.47 2.99 2.22
CA ALA A 169 23.48 2.47 0.85
C ALA A 169 24.23 1.14 0.75
N GLY A 170 25.29 1.00 1.53
CA GLY A 170 26.08 -0.21 1.52
C GLY A 170 25.58 -1.31 2.45
N GLN A 171 24.48 -1.04 3.16
CA GLN A 171 23.91 -1.99 4.11
C GLN A 171 22.67 -2.67 3.56
N ILE A 172 22.43 -2.50 2.26
CA ILE A 172 21.23 -3.02 1.62
C ILE A 172 21.53 -4.24 0.75
N THR A 173 20.73 -5.28 0.93
CA THR A 173 20.78 -6.46 0.07
C THR A 173 19.40 -6.63 -0.54
N LEU A 174 19.37 -6.74 -1.87
CA LEU A 174 18.10 -6.86 -2.58
C LEU A 174 17.97 -8.22 -3.25
N HIS A 175 16.76 -8.74 -3.27
CA HIS A 175 16.47 -10.03 -3.86
C HIS A 175 15.22 -9.93 -4.72
N ARG A 176 15.32 -10.41 -5.95
CA ARG A 176 14.16 -10.51 -6.82
C ARG A 176 13.54 -11.88 -6.54
N GLN A 177 12.38 -11.87 -5.89
CA GLN A 177 11.69 -13.08 -5.48
C GLN A 177 10.20 -12.78 -5.45
N ASP A 178 9.40 -13.80 -5.73
CA ASP A 178 7.96 -13.74 -5.51
C ASP A 178 7.70 -13.72 -4.01
N ALA A 179 7.17 -12.62 -3.52
CA ALA A 179 6.86 -12.49 -2.10
C ALA A 179 6.00 -13.64 -1.57
N TRP A 180 5.08 -14.15 -2.40
CA TRP A 180 4.20 -15.24 -1.97
C TRP A 180 4.93 -16.58 -1.77
N LYS A 181 6.18 -16.66 -2.21
CA LYS A 181 6.97 -17.88 -2.08
C LYS A 181 8.12 -17.71 -1.09
N LEU A 182 8.06 -16.65 -0.28
CA LEU A 182 9.10 -16.39 0.71
C LEU A 182 9.40 -17.65 1.53
N ASP A 183 10.68 -18.01 1.66
CA ASP A 183 11.00 -19.24 2.39
C ASP A 183 12.22 -19.09 3.30
N THR A 184 12.58 -17.85 3.60
CA THR A 184 13.65 -17.55 4.57
C THR A 184 13.32 -18.16 5.91
N ARG A 185 14.32 -18.75 6.56
CA ARG A 185 14.13 -19.31 7.89
C ARG A 185 14.92 -18.53 8.93
N GLU A 186 14.21 -17.84 9.82
CA GLU A 186 14.84 -17.12 10.92
C GLU A 186 16.01 -16.24 10.46
N GLY A 187 15.74 -15.40 9.45
CA GLY A 187 16.74 -14.51 8.91
C GLY A 187 16.61 -13.07 9.37
N TYR A 188 15.43 -12.67 9.84
CA TYR A 188 15.18 -11.25 10.10
C TYR A 188 14.71 -10.97 11.52
N ASP A 189 15.15 -9.86 12.08
CA ASP A 189 14.65 -9.41 13.38
C ASP A 189 13.33 -8.69 13.25
N LEU A 190 13.17 -8.00 12.13
CA LEU A 190 12.01 -7.16 11.86
C LEU A 190 11.63 -7.33 10.41
N LEU A 191 10.34 -7.44 10.13
CA LEU A 191 9.88 -7.56 8.74
C LEU A 191 8.69 -6.63 8.57
N THR A 192 8.73 -5.80 7.55
CA THR A 192 7.61 -4.92 7.24
C THR A 192 7.01 -5.28 5.87
N SER A 193 5.69 -5.19 5.78
CA SER A 193 4.96 -5.53 4.56
C SER A 193 3.76 -4.64 4.37
N ASN A 194 3.67 -4.02 3.20
CA ASN A 194 2.50 -3.25 2.83
C ASN A 194 2.16 -3.50 1.37
N GLY A 195 0.88 -3.67 1.07
CA GLY A 195 0.41 -3.71 -0.31
C GLY A 195 0.33 -5.06 -0.99
N LEU A 196 0.28 -6.14 -0.23
CA LEU A 196 0.08 -7.47 -0.80
C LEU A 196 -1.26 -8.06 -0.41
N ASN A 197 -1.50 -8.13 0.90
CA ASN A 197 -2.72 -8.78 1.37
C ASN A 197 -3.99 -8.15 0.83
N ILE A 198 -3.98 -6.83 0.65
CA ILE A 198 -5.16 -6.11 0.18
C ILE A 198 -5.54 -6.44 -1.27
N TYR A 199 -4.63 -7.11 -2.00
CA TYR A 199 -4.93 -7.55 -3.37
C TYR A 199 -5.37 -8.99 -3.45
N GLU A 200 -5.38 -9.71 -2.32
CA GLU A 200 -5.66 -11.14 -2.31
C GLU A 200 -6.96 -11.42 -1.57
N PRO A 201 -8.06 -11.65 -2.30
CA PRO A 201 -9.34 -11.86 -1.61
C PRO A 201 -9.44 -13.17 -0.82
N ASP A 202 -8.59 -14.14 -1.13
CA ASP A 202 -8.66 -15.43 -0.44
C ASP A 202 -7.98 -15.37 0.92
N ASP A 203 -8.77 -15.54 1.97
CA ASP A 203 -8.27 -15.40 3.35
C ASP A 203 -7.15 -16.38 3.66
N ALA A 204 -7.29 -17.63 3.21
CA ALA A 204 -6.27 -18.62 3.50
C ALA A 204 -4.95 -18.30 2.83
N ARG A 205 -4.98 -17.74 1.63
CA ARG A 205 -3.72 -17.36 0.96
C ARG A 205 -3.01 -16.27 1.76
N VAL A 206 -3.77 -15.35 2.34
CA VAL A 206 -3.17 -14.32 3.17
C VAL A 206 -2.62 -14.89 4.49
N THR A 207 -3.36 -15.80 5.11
CA THR A 207 -2.83 -16.48 6.28
C THR A 207 -1.50 -17.19 5.98
N GLU A 208 -1.41 -17.82 4.81
CA GLU A 208 -0.18 -18.49 4.42
CA GLU A 208 -0.18 -18.49 4.43
C GLU A 208 0.98 -17.52 4.23
N LEU A 209 0.68 -16.34 3.70
CA LEU A 209 1.70 -15.30 3.57
C LEU A 209 2.20 -14.92 4.96
N TYR A 210 1.27 -14.73 5.90
CA TYR A 210 1.66 -14.40 7.26
C TYR A 210 2.52 -15.51 7.89
N ARG A 211 2.21 -16.75 7.57
CA ARG A 211 3.00 -17.87 8.08
C ARG A 211 4.43 -17.82 7.54
N ARG A 212 4.58 -17.46 6.26
CA ARG A 212 5.92 -17.32 5.70
C ARG A 212 6.68 -16.18 6.37
N PHE A 213 5.98 -15.08 6.66
CA PHE A 213 6.59 -14.00 7.43
C PHE A 213 7.05 -14.51 8.80
N TRP A 214 6.20 -15.26 9.50
CA TRP A 214 6.55 -15.77 10.81
C TRP A 214 7.78 -16.68 10.73
N GLN A 215 7.80 -17.55 9.73
CA GLN A 215 8.93 -18.45 9.56
C GLN A 215 10.23 -17.71 9.26
N ALA A 216 10.12 -16.57 8.57
CA ALA A 216 11.29 -15.77 8.22
C ALA A 216 11.85 -14.97 9.40
N LEU A 217 11.05 -14.75 10.43
CA LEU A 217 11.50 -13.99 11.60
C LEU A 217 12.31 -14.85 12.56
N LYS A 218 13.31 -14.23 13.18
CA LYS A 218 13.99 -14.85 14.31
C LYS A 218 13.01 -14.87 15.47
N PRO A 219 13.15 -15.85 16.37
CA PRO A 219 12.32 -15.86 17.58
C PRO A 219 12.48 -14.54 18.32
N GLY A 220 11.38 -13.96 18.79
CA GLY A 220 11.40 -12.65 19.43
C GLY A 220 11.27 -11.50 18.45
N GLY A 221 11.27 -11.79 17.16
CA GLY A 221 11.15 -10.76 16.13
C GLY A 221 9.74 -10.20 16.00
N ALA A 222 9.59 -9.22 15.11
CA ALA A 222 8.29 -8.60 14.92
C ALA A 222 7.97 -8.33 13.47
N LEU A 223 6.68 -8.40 13.16
CA LEU A 223 6.13 -8.06 11.86
C LEU A 223 5.37 -6.74 11.97
N VAL A 224 5.60 -5.84 11.02
CA VAL A 224 4.81 -4.62 10.90
C VAL A 224 4.08 -4.69 9.56
N THR A 225 2.76 -4.79 9.60
CA THR A 225 2.02 -4.82 8.35
C THR A 225 0.74 -3.98 8.47
N SER A 226 -0.17 -4.13 7.52
CA SER A 226 -1.31 -3.23 7.42
C SER A 226 -2.44 -3.94 6.69
N PHE A 227 -3.62 -3.37 6.75
CA PHE A 227 -4.74 -3.91 5.98
C PHE A 227 -5.79 -2.85 5.80
N LEU A 228 -6.46 -2.85 4.63
CA LEU A 228 -7.63 -2.01 4.43
C LEU A 228 -8.86 -2.68 5.01
N THR A 229 -9.70 -1.88 5.68
CA THR A 229 -10.90 -2.38 6.36
C THR A 229 -12.16 -2.16 5.54
N PRO A 230 -13.20 -2.97 5.77
CA PRO A 230 -14.46 -2.83 5.04
C PRO A 230 -15.27 -1.66 5.56
N PRO A 231 -15.98 -0.95 4.67
CA PRO A 231 -16.87 0.14 5.11
C PRO A 231 -18.16 -0.42 5.70
N PRO A 232 -18.96 0.45 6.33
CA PRO A 232 -20.18 -0.03 6.97
C PRO A 232 -21.15 -0.74 6.03
N ALA A 233 -21.24 -0.33 4.77
CA ALA A 233 -22.18 -1.03 3.88
C ALA A 233 -21.80 -2.50 3.72
N LEU A 234 -20.50 -2.78 3.75
CA LEU A 234 -20.00 -4.12 3.44
C LEU A 234 -19.97 -5.05 4.65
N SER A 235 -19.71 -4.50 5.83
CA SER A 235 -19.51 -5.32 7.02
C SER A 235 -20.23 -4.77 8.25
N PRO A 236 -20.97 -5.64 8.96
CA PRO A 236 -21.57 -5.26 10.24
C PRO A 236 -20.50 -4.86 11.26
N ASP A 237 -19.26 -5.26 11.01
CA ASP A 237 -18.16 -5.01 11.94
C ASP A 237 -17.16 -3.98 11.41
N SER A 238 -17.62 -3.14 10.48
CA SER A 238 -16.75 -2.08 9.98
C SER A 238 -16.29 -1.21 11.14
N PRO A 239 -14.98 -0.92 11.19
CA PRO A 239 -14.45 0.01 12.20
C PRO A 239 -14.44 1.47 11.75
N TRP A 240 -14.89 1.77 10.53
CA TRP A 240 -14.83 3.13 10.03
C TRP A 240 -15.47 4.11 11.00
N ASP A 241 -14.77 5.20 11.28
CA ASP A 241 -15.34 6.31 12.04
C ASP A 241 -15.85 7.34 11.05
N GLN A 243 -17.34 10.01 11.44
CA GLN A 243 -17.13 11.40 11.85
C GLN A 243 -15.73 11.89 11.51
N ALA A 244 -14.88 10.96 11.07
CA ALA A 244 -13.50 11.29 10.73
C ALA A 244 -13.31 11.34 9.21
N ILE A 245 -14.41 11.30 8.48
CA ILE A 245 -14.37 11.25 7.00
C ILE A 245 -15.24 12.35 6.42
N ASP A 246 -14.68 13.17 5.53
CA ASP A 246 -15.49 14.20 4.89
C ASP A 246 -16.49 13.53 3.94
N PRO A 247 -17.78 13.82 4.10
CA PRO A 247 -18.76 13.12 3.27
C PRO A 247 -18.59 13.35 1.77
N HIS A 248 -18.29 14.58 1.35
CA HIS A 248 -18.15 14.84 -0.08
C HIS A 248 -16.92 14.15 -0.64
N ASP A 249 -15.81 14.22 0.08
CA ASP A 249 -14.58 13.59 -0.39
C ASP A 249 -14.73 12.07 -0.47
N LEU A 250 -15.50 11.50 0.45
CA LEU A 250 -15.79 10.07 0.36
C LEU A 250 -16.64 9.76 -0.89
N GLN A 251 -17.66 10.57 -1.14
CA GLN A 251 -18.48 10.38 -2.34
C GLN A 251 -17.60 10.44 -3.59
N LEU A 252 -16.70 11.42 -3.62
CA LEU A 252 -15.75 11.55 -4.73
C LEU A 252 -14.93 10.27 -4.89
N GLN A 253 -14.33 9.81 -3.81
CA GLN A 253 -13.54 8.59 -3.84
C GLN A 253 -14.36 7.39 -4.33
N GLN A 254 -15.59 7.27 -3.86
CA GLN A 254 -16.42 6.14 -4.24
C GLN A 254 -16.70 6.12 -5.75
N LEU A 255 -16.94 7.30 -6.31
CA LEU A 255 -17.20 7.39 -7.74
C LEU A 255 -15.93 7.06 -8.51
N VAL A 256 -14.83 7.67 -8.09
CA VAL A 256 -13.56 7.47 -8.77
C VAL A 256 -13.12 6.00 -8.72
N PHE A 257 -13.23 5.37 -7.55
CA PHE A 257 -12.81 3.97 -7.41
C PHE A 257 -13.80 3.02 -8.06
N THR A 258 -15.07 3.08 -7.66
CA THR A 258 -16.03 2.07 -8.12
C THR A 258 -16.32 2.14 -9.62
N ARG A 259 -16.42 3.36 -10.16
CA ARG A 259 -16.82 3.51 -11.54
C ARG A 259 -15.68 3.74 -12.52
N LEU A 260 -14.66 4.48 -12.11
CA LEU A 260 -13.63 4.87 -13.07
C LEU A 260 -12.42 3.92 -13.08
N ILE A 261 -11.71 3.83 -11.96
CA ILE A 261 -10.50 3.01 -11.90
C ILE A 261 -10.79 1.53 -11.73
N GLN A 262 -11.68 1.21 -10.80
CA GLN A 262 -11.99 -0.16 -10.41
C GLN A 262 -10.76 -0.87 -9.84
N PRO A 263 -10.27 -0.37 -8.71
CA PRO A 263 -8.98 -0.86 -8.19
C PRO A 263 -9.03 -2.32 -7.73
N ARG A 264 -7.87 -2.96 -7.77
CA ARG A 264 -7.70 -4.35 -7.39
C ARG A 264 -7.44 -4.55 -5.91
N TRP A 265 -7.28 -3.45 -5.14
CA TRP A 265 -6.93 -3.54 -3.72
C TRP A 265 -8.14 -3.69 -2.81
N ASN A 266 -9.12 -4.46 -3.26
CA ASN A 266 -10.40 -4.53 -2.57
C ASN A 266 -10.64 -5.79 -1.72
N ALA A 267 -9.56 -6.41 -1.26
CA ALA A 267 -9.68 -7.50 -0.30
C ALA A 267 -9.66 -6.85 1.08
N LEU A 268 -10.84 -6.50 1.56
CA LEU A 268 -10.99 -5.71 2.79
C LEU A 268 -11.25 -6.64 3.95
N ARG A 269 -10.63 -6.36 5.10
CA ARG A 269 -10.69 -7.25 6.25
C ARG A 269 -10.77 -6.45 7.53
N THR A 270 -11.46 -7.01 8.52
CA THR A 270 -11.58 -6.35 9.82
C THR A 270 -10.35 -6.63 10.69
N HIS A 271 -10.28 -5.90 11.81
CA HIS A 271 -9.25 -6.14 12.82
C HIS A 271 -9.35 -7.58 13.33
N ALA A 272 -10.57 -8.03 13.61
CA ALA A 272 -10.76 -9.39 14.12
C ALA A 272 -10.34 -10.44 13.10
N GLN A 273 -10.65 -10.22 11.83
CA GLN A 273 -10.24 -11.17 10.80
C GLN A 273 -8.71 -11.22 10.71
N THR A 274 -8.08 -10.05 10.69
CA THR A 274 -6.63 -9.97 10.62
C THR A 274 -6.00 -10.63 11.85
N ARG A 275 -6.55 -10.37 13.03
CA ARG A 275 -6.06 -11.02 14.24
C ARG A 275 -6.12 -12.54 14.13
N ALA A 276 -7.24 -13.06 13.66
CA ALA A 276 -7.38 -14.51 13.49
C ALA A 276 -6.32 -15.07 12.54
N GLN A 277 -6.07 -14.38 11.44
CA GLN A 277 -5.05 -14.85 10.50
C GLN A 277 -3.66 -14.83 11.13
N LEU A 278 -3.33 -13.74 11.81
CA LEU A 278 -2.01 -13.61 12.38
C LEU A 278 -1.77 -14.62 13.51
N GLU A 279 -2.80 -14.84 14.32
CA GLU A 279 -2.69 -15.82 15.40
C GLU A 279 -2.53 -17.24 14.85
N GLU A 280 -3.28 -17.56 13.80
CA GLU A 280 -3.13 -18.86 13.15
CA GLU A 280 -3.13 -18.86 13.16
C GLU A 280 -1.70 -19.05 12.64
N ALA A 281 -1.12 -17.97 12.09
CA ALA A 281 0.25 -17.99 11.62
C ALA A 281 1.31 -18.06 12.71
N GLY A 282 0.92 -17.89 13.97
CA GLY A 282 1.83 -18.06 15.09
C GLY A 282 2.19 -16.80 15.86
N PHE A 283 1.63 -15.66 15.45
CA PHE A 283 1.91 -14.39 16.10
C PHE A 283 1.17 -14.18 17.41
N THR A 284 1.77 -13.40 18.30
CA THR A 284 1.18 -13.05 19.59
C THR A 284 1.36 -11.55 19.83
N ASP A 285 0.78 -11.08 20.93
CA ASP A 285 1.01 -9.71 21.40
C ASP A 285 0.69 -8.63 20.34
N LEU A 286 -0.41 -8.82 19.62
CA LEU A 286 -0.75 -7.88 18.55
C LEU A 286 -1.05 -6.50 19.08
N ARG A 287 -0.55 -5.50 18.36
CA ARG A 287 -0.86 -4.09 18.61
C ARG A 287 -1.34 -3.47 17.31
N PHE A 288 -2.50 -2.84 17.34
CA PHE A 288 -3.00 -2.14 16.17
C PHE A 288 -2.78 -0.64 16.33
N GLU A 289 -2.31 0.01 15.29
CA GLU A 289 -2.18 1.47 15.25
C GLU A 289 -3.12 1.97 14.18
N ASP A 290 -4.28 2.46 14.61
CA ASP A 290 -5.32 2.87 13.67
C ASP A 290 -5.10 4.28 13.16
N ASP A 291 -5.34 4.47 11.87
CA ASP A 291 -5.47 5.82 11.33
C ASP A 291 -6.78 6.42 11.87
N ARG A 292 -6.93 7.73 11.72
CA ARG A 292 -8.06 8.42 12.33
C ARG A 292 -9.41 7.83 11.96
N ALA A 293 -9.62 7.53 10.69
CA ALA A 293 -10.92 7.03 10.26
C ALA A 293 -11.02 5.49 10.28
N ARG A 294 -9.91 4.83 10.61
CA ARG A 294 -9.81 3.36 10.68
C ARG A 294 -9.96 2.68 9.33
N LEU A 295 -9.53 3.37 8.28
CA LEU A 295 -9.54 2.83 6.92
C LEU A 295 -8.37 1.91 6.64
N PHE A 296 -7.24 2.12 7.30
CA PHE A 296 -6.01 1.43 6.92
C PHE A 296 -5.12 1.23 8.14
N PRO A 297 -5.53 0.37 9.07
CA PRO A 297 -4.72 0.17 10.27
C PRO A 297 -3.38 -0.50 9.99
N THR A 298 -2.45 -0.20 10.89
CA THR A 298 -1.16 -0.84 10.97
C THR A 298 -1.26 -1.87 12.09
N VAL A 299 -0.60 -3.00 11.93
CA VAL A 299 -0.53 -3.99 12.99
C VAL A 299 0.91 -4.43 13.22
N ILE A 300 1.29 -4.49 14.49
CA ILE A 300 2.60 -4.97 14.91
C ILE A 300 2.37 -6.30 15.63
N ALA A 301 2.99 -7.36 15.14
CA ALA A 301 2.76 -8.72 15.61
C ALA A 301 4.08 -9.34 16.06
N ARG A 302 4.09 -9.98 17.23
CA ARG A 302 5.31 -10.54 17.78
C ARG A 302 5.46 -12.04 17.52
N LYS A 303 6.66 -12.48 17.16
CA LYS A 303 7.00 -13.90 17.16
C LYS A 303 7.60 -14.23 18.52
N PRO A 304 7.04 -15.22 19.22
CA PRO A 304 7.55 -15.56 20.55
C PRO A 304 9.05 -15.85 20.57
N ALA A 305 9.70 -15.43 21.65
CA ALA A 305 11.11 -15.71 21.86
C ALA A 305 11.30 -17.21 22.09
#